data_1MBB
#
_entry.id   1MBB
#
_cell.length_a   50.000
_cell.length_b   50.000
_cell.length_c   264.300
_cell.angle_alpha   90.00
_cell.angle_beta   90.00
_cell.angle_gamma   90.00
#
_symmetry.space_group_name_H-M   'P 43 21 2'
#
loop_
_entity.id
_entity.type
_entity.pdbx_description
1 polymer 'URIDINE DIPHOSPHO-N-ACETYLENOLPYRUVYLGLUCOSAMINE REDUCTASE'
2 non-polymer 'URIDINE-DIPHOSPHATE-3(N-ACETYLGLUCOSAMINYL)BUTYRIC ACID'
3 non-polymer 'FLAVIN-ADENINE DINUCLEOTIDE'
4 water water
#
_entity_poly.entity_id   1
_entity_poly.type   'polypeptide(L)'
_entity_poly.pdbx_seq_one_letter_code
;MNHSLKPWNTFGIDHNAQHIVCAEDEQQLLNAWQYATAEGQPVLILGEGSNVLFLEDYRGTVIINRIKGIEIHDEPDAWY
LHVGAGENWHRLVKYTLQEGMPGLENLALIPGCVGSSPIQNIGAYGVELQRVCAYVDSVELATGKQVRLTAKECRFGYRD
SIFKHEYQDRFAIVAVGLRLPKEWQPVLTYGDLTRLDPTTVTPQQVFNAVCHMRTTKLPDPKVNGNAGSFFKNPVVSAET
AKALLSQFPTAPNYPQADGSVKLAAGWLIDQCQLKGMQIGGAAVHRQQALVLINEDNAKSEDVVQLAHHVRQKVGEKFNV
WLEPEVRFIGASGEVSAVETIS
;
_entity_poly.pdbx_strand_id   A
#
loop_
_chem_comp.id
_chem_comp.type
_chem_comp.name
_chem_comp.formula
EEB non-polymer 'URIDINE-DIPHOSPHATE-3(N-ACETYLGLUCOSAMINYL)BUTYRIC ACID' 'C21 H33 N3 O19 P2'
FAD non-polymer 'FLAVIN-ADENINE DINUCLEOTIDE' 'C27 H33 N9 O15 P2'
#
# COMPACT_ATOMS: atom_id res chain seq x y z
N HIS A 3 20.71 -7.08 13.72
CA HIS A 3 20.33 -7.67 12.44
C HIS A 3 19.71 -6.68 11.44
N SER A 4 20.16 -6.85 10.19
CA SER A 4 19.75 -6.01 9.07
C SER A 4 18.32 -6.06 8.53
N LEU A 5 17.64 -4.91 8.50
CA LEU A 5 16.30 -4.80 7.92
C LEU A 5 16.22 -4.76 6.37
N LYS A 6 17.35 -4.58 5.70
CA LYS A 6 17.36 -4.46 4.24
C LYS A 6 16.65 -5.47 3.34
N PRO A 7 16.61 -6.79 3.60
CA PRO A 7 15.75 -7.74 2.86
C PRO A 7 14.24 -7.64 3.08
N TRP A 8 13.96 -7.10 4.24
CA TRP A 8 12.63 -7.00 4.80
C TRP A 8 11.85 -5.75 4.43
N ASN A 9 12.43 -4.90 3.58
CA ASN A 9 11.75 -3.73 3.08
C ASN A 9 12.11 -3.53 1.62
N THR A 10 11.11 -3.35 0.77
CA THR A 10 11.34 -3.19 -0.67
C THR A 10 12.15 -1.97 -1.05
N PHE A 11 12.16 -0.90 -0.26
CA PHE A 11 13.04 0.25 -0.51
C PHE A 11 14.54 -0.07 -0.46
N GLY A 12 14.96 -1.20 0.09
CA GLY A 12 16.37 -1.55 0.20
C GLY A 12 17.11 -0.72 1.24
N ILE A 13 16.42 -0.11 2.19
CA ILE A 13 17.07 0.71 3.21
C ILE A 13 17.78 -0.14 4.27
N ASP A 14 19.06 0.12 4.47
CA ASP A 14 19.81 -0.62 5.46
C ASP A 14 19.98 0.09 6.81
N HIS A 15 19.08 -0.38 7.66
CA HIS A 15 19.09 -0.06 9.09
C HIS A 15 18.96 -1.36 9.86
N ASN A 16 19.00 -1.32 11.19
CA ASN A 16 19.10 -2.54 11.98
C ASN A 16 17.99 -2.67 12.99
N ALA A 17 17.67 -3.88 13.42
CA ALA A 17 16.69 -4.09 14.46
C ALA A 17 17.29 -5.00 15.54
N GLN A 18 16.79 -4.95 16.77
CA GLN A 18 17.35 -5.82 17.82
C GLN A 18 17.05 -7.28 17.54
N HIS A 19 15.85 -7.55 17.05
CA HIS A 19 15.53 -8.88 16.63
C HIS A 19 14.63 -8.83 15.42
N ILE A 20 14.84 -9.68 14.45
CA ILE A 20 13.96 -9.79 13.30
C ILE A 20 13.53 -11.25 13.35
N VAL A 21 12.25 -11.55 13.18
CA VAL A 21 11.74 -12.91 13.35
C VAL A 21 10.57 -13.27 12.45
N CYS A 22 10.63 -14.35 11.70
CA CYS A 22 9.51 -14.82 10.89
C CYS A 22 8.42 -15.63 11.61
N ALA A 23 7.21 -15.12 11.80
CA ALA A 23 6.15 -15.89 12.45
C ALA A 23 5.42 -16.75 11.45
N GLU A 24 5.64 -18.05 11.34
CA GLU A 24 4.88 -18.79 10.33
C GLU A 24 3.53 -19.37 10.80
N ASP A 25 3.11 -19.11 12.06
CA ASP A 25 1.72 -19.36 12.48
C ASP A 25 1.29 -18.32 13.52
N GLU A 26 0.00 -18.20 13.86
CA GLU A 26 -0.43 -17.20 14.84
C GLU A 26 0.18 -17.30 16.24
N GLN A 27 0.26 -18.51 16.83
CA GLN A 27 0.87 -18.68 18.17
C GLN A 27 2.31 -18.16 18.25
N GLN A 28 3.04 -18.43 17.16
CA GLN A 28 4.41 -18.00 16.95
C GLN A 28 4.63 -16.49 17.01
N LEU A 29 3.76 -15.80 16.27
CA LEU A 29 3.69 -14.34 16.26
C LEU A 29 3.41 -13.79 17.64
N LEU A 30 2.42 -14.40 18.29
CA LEU A 30 2.04 -14.01 19.63
C LEU A 30 3.18 -14.23 20.63
N ASN A 31 3.88 -15.33 20.48
CA ASN A 31 5.07 -15.59 21.29
C ASN A 31 6.13 -14.52 21.14
N ALA A 32 6.52 -14.24 19.90
CA ALA A 32 7.52 -13.23 19.60
C ALA A 32 7.18 -11.83 20.11
N TRP A 33 5.91 -11.48 20.03
CA TRP A 33 5.41 -10.23 20.57
C TRP A 33 5.49 -10.17 22.09
N GLN A 34 4.99 -11.20 22.74
CA GLN A 34 5.02 -11.29 24.19
C GLN A 34 6.43 -11.21 24.73
N TYR A 35 7.35 -11.92 24.07
CA TYR A 35 8.75 -11.92 24.42
C TYR A 35 9.41 -10.54 24.32
N ALA A 36 9.39 -9.88 23.16
CA ALA A 36 9.96 -8.54 23.01
C ALA A 36 9.30 -7.47 23.89
N THR A 37 7.96 -7.40 24.00
CA THR A 37 7.31 -6.43 24.89
C THR A 37 7.56 -6.72 26.36
N ALA A 38 7.76 -7.99 26.72
CA ALA A 38 8.20 -8.34 28.08
C ALA A 38 9.65 -7.87 28.29
N GLU A 39 10.49 -7.85 27.25
CA GLU A 39 11.81 -7.23 27.38
C GLU A 39 11.83 -5.70 27.19
N GLY A 40 10.69 -5.00 27.35
CA GLY A 40 10.59 -3.56 27.12
C GLY A 40 10.75 -3.11 25.66
N GLN A 41 10.81 -4.04 24.70
CA GLN A 41 10.94 -3.70 23.28
C GLN A 41 9.67 -3.38 22.49
N PRO A 42 9.69 -2.48 21.49
CA PRO A 42 8.59 -2.23 20.55
C PRO A 42 8.45 -3.36 19.55
N VAL A 43 7.27 -3.65 19.08
CA VAL A 43 7.14 -4.67 18.05
C VAL A 43 6.51 -4.09 16.78
N LEU A 44 7.10 -4.52 15.67
CA LEU A 44 6.66 -4.11 14.36
C LEU A 44 6.32 -5.34 13.54
N ILE A 45 5.10 -5.45 13.04
CA ILE A 45 4.74 -6.59 12.21
C ILE A 45 4.93 -6.18 10.74
N LEU A 46 5.51 -6.99 9.90
CA LEU A 46 5.63 -6.65 8.51
C LEU A 46 5.15 -7.78 7.62
N GLY A 47 4.44 -7.49 6.53
CA GLY A 47 4.30 -8.51 5.51
C GLY A 47 5.62 -8.47 4.70
N GLU A 48 5.61 -7.87 3.51
CA GLU A 48 6.83 -7.74 2.70
C GLU A 48 7.62 -6.46 2.87
N GLY A 49 7.27 -5.60 3.82
CA GLY A 49 7.90 -4.28 3.90
C GLY A 49 7.81 -3.40 2.63
N SER A 50 6.79 -3.56 1.77
CA SER A 50 6.63 -2.69 0.59
C SER A 50 5.98 -1.35 0.78
N ASN A 51 5.59 -1.00 2.01
CA ASN A 51 5.00 0.29 2.33
C ASN A 51 5.67 1.03 3.49
N VAL A 52 6.86 0.62 3.87
CA VAL A 52 7.53 1.23 5.02
C VAL A 52 8.88 1.86 4.71
N LEU A 53 9.15 2.99 5.33
CA LEU A 53 10.46 3.63 5.26
C LEU A 53 11.11 3.63 6.66
N PHE A 54 12.18 2.86 6.90
CA PHE A 54 12.88 2.95 8.19
C PHE A 54 13.74 4.21 8.28
N LEU A 55 13.49 5.07 9.26
CA LEU A 55 14.26 6.28 9.40
C LEU A 55 15.57 6.11 10.17
N GLU A 56 15.56 5.18 11.11
CA GLU A 56 16.67 4.98 12.00
C GLU A 56 16.84 3.50 12.28
N ASP A 57 17.82 3.16 13.12
CA ASP A 57 17.88 1.80 13.65
C ASP A 57 16.71 1.63 14.65
N TYR A 58 16.04 0.51 14.50
CA TYR A 58 14.90 0.15 15.31
C TYR A 58 15.26 -0.55 16.64
N ARG A 59 14.89 0.04 17.78
CA ARG A 59 15.20 -0.49 19.12
C ARG A 59 14.53 -1.81 19.57
N GLY A 60 13.57 -2.34 18.81
CA GLY A 60 12.84 -3.54 19.21
C GLY A 60 12.84 -4.71 18.24
N THR A 61 11.74 -5.45 18.25
CA THR A 61 11.61 -6.63 17.40
C THR A 61 10.66 -6.46 16.24
N VAL A 62 11.18 -6.86 15.10
CA VAL A 62 10.41 -6.94 13.88
C VAL A 62 9.93 -8.34 13.51
N ILE A 63 8.62 -8.52 13.60
CA ILE A 63 8.02 -9.80 13.20
C ILE A 63 7.62 -9.75 11.73
N ILE A 64 8.05 -10.71 10.93
CA ILE A 64 7.69 -10.88 9.52
C ILE A 64 6.51 -11.86 9.49
N ASN A 65 5.28 -11.37 9.24
CA ASN A 65 4.10 -12.21 9.19
C ASN A 65 4.14 -13.17 7.99
N ARG A 66 4.33 -14.46 8.28
CA ARG A 66 4.33 -15.45 7.22
C ARG A 66 3.33 -16.58 7.47
N ILE A 67 2.17 -16.19 7.99
CA ILE A 67 1.10 -17.15 8.27
C ILE A 67 0.39 -17.47 6.95
N LYS A 68 0.57 -18.64 6.38
CA LYS A 68 -0.05 -18.89 5.09
C LYS A 68 -1.24 -19.87 5.03
N GLY A 69 -1.68 -20.27 3.84
CA GLY A 69 -2.88 -21.06 3.67
C GLY A 69 -4.08 -20.28 3.06
N ILE A 70 -4.78 -20.93 2.13
CA ILE A 70 -6.00 -20.39 1.53
C ILE A 70 -7.11 -21.40 1.87
N GLU A 71 -8.28 -20.86 2.20
CA GLU A 71 -9.48 -21.65 2.38
C GLU A 71 -10.62 -21.11 1.51
N ILE A 72 -11.26 -21.96 0.73
CA ILE A 72 -12.35 -21.49 -0.12
C ILE A 72 -13.75 -22.01 0.30
N HIS A 73 -14.62 -21.17 0.86
CA HIS A 73 -15.99 -21.59 1.16
C HIS A 73 -17.04 -21.15 0.12
N ASP A 74 -17.71 -22.15 -0.42
CA ASP A 74 -18.77 -21.95 -1.39
C ASP A 74 -20.14 -21.48 -0.92
N GLU A 75 -20.64 -20.42 -1.52
CA GLU A 75 -22.00 -19.96 -1.29
C GLU A 75 -22.64 -19.88 -2.68
N PRO A 76 -23.96 -19.97 -2.93
CA PRO A 76 -24.50 -19.97 -4.30
C PRO A 76 -24.15 -18.72 -5.12
N ASP A 77 -24.07 -17.60 -4.42
CA ASP A 77 -23.73 -16.27 -4.93
C ASP A 77 -22.25 -15.90 -5.11
N ALA A 78 -21.35 -16.55 -4.37
CA ALA A 78 -19.98 -16.09 -4.24
C ALA A 78 -18.97 -17.07 -3.68
N TRP A 79 -17.73 -17.00 -4.14
CA TRP A 79 -16.67 -17.78 -3.49
C TRP A 79 -16.10 -16.90 -2.38
N TYR A 80 -16.07 -17.46 -1.18
CA TYR A 80 -15.50 -16.76 -0.03
C TYR A 80 -14.16 -17.38 0.36
N LEU A 81 -13.11 -16.57 0.38
CA LEU A 81 -11.77 -17.05 0.64
C LEU A 81 -11.32 -16.53 1.97
N HIS A 82 -10.71 -17.43 2.75
CA HIS A 82 -10.13 -17.17 4.05
C HIS A 82 -8.65 -17.39 3.82
N VAL A 83 -7.96 -16.26 3.70
CA VAL A 83 -6.54 -16.25 3.33
C VAL A 83 -5.61 -15.88 4.49
N GLY A 84 -4.55 -16.66 4.73
CA GLY A 84 -3.54 -16.33 5.74
C GLY A 84 -2.79 -15.00 5.47
N ALA A 85 -2.48 -14.22 6.50
CA ALA A 85 -1.82 -12.93 6.37
C ALA A 85 -0.47 -12.87 5.65
N GLY A 86 0.26 -13.97 5.78
CA GLY A 86 1.60 -14.06 5.21
C GLY A 86 1.62 -14.39 3.73
N GLU A 87 0.42 -14.59 3.19
CA GLU A 87 0.25 -14.87 1.78
C GLU A 87 0.65 -13.72 0.86
N ASN A 88 1.42 -13.98 -0.18
CA ASN A 88 1.71 -12.93 -1.15
C ASN A 88 0.51 -12.54 -2.04
N TRP A 89 0.09 -11.27 -1.97
CA TRP A 89 -1.06 -10.78 -2.73
C TRP A 89 -1.02 -11.06 -4.23
N HIS A 90 0.02 -10.69 -5.02
CA HIS A 90 0.02 -11.02 -6.46
C HIS A 90 -0.11 -12.51 -6.77
N ARG A 91 0.46 -13.41 -5.96
CA ARG A 91 0.30 -14.83 -6.19
C ARG A 91 -1.12 -15.27 -5.86
N LEU A 92 -1.79 -14.61 -4.90
CA LEU A 92 -3.21 -14.87 -4.69
C LEU A 92 -4.02 -14.44 -5.92
N VAL A 93 -3.79 -13.24 -6.50
CA VAL A 93 -4.50 -12.78 -7.71
C VAL A 93 -4.34 -13.79 -8.84
N LYS A 94 -3.11 -14.25 -9.04
CA LYS A 94 -2.84 -15.27 -10.05
C LYS A 94 -3.54 -16.60 -9.82
N TYR A 95 -3.49 -17.08 -8.59
CA TYR A 95 -4.14 -18.32 -8.20
C TYR A 95 -5.64 -18.30 -8.39
N THR A 96 -6.28 -17.20 -7.93
CA THR A 96 -7.72 -17.07 -7.99
C THR A 96 -8.23 -17.08 -9.42
N LEU A 97 -7.49 -16.42 -10.29
CA LEU A 97 -7.81 -16.42 -11.70
C LEU A 97 -7.57 -17.81 -12.27
N GLN A 98 -6.43 -18.47 -11.96
CA GLN A 98 -6.08 -19.83 -12.41
C GLN A 98 -7.15 -20.87 -12.06
N GLU A 99 -7.73 -20.65 -10.87
CA GLU A 99 -8.83 -21.39 -10.28
C GLU A 99 -10.26 -21.01 -10.68
N GLY A 100 -10.43 -20.09 -11.63
CA GLY A 100 -11.76 -19.75 -12.09
C GLY A 100 -12.55 -18.93 -11.09
N MET A 101 -11.86 -18.16 -10.24
CA MET A 101 -12.53 -17.26 -9.31
C MET A 101 -12.04 -15.85 -9.57
N PRO A 102 -12.58 -15.15 -10.60
CA PRO A 102 -12.15 -13.79 -10.94
C PRO A 102 -12.69 -12.73 -9.98
N GLY A 103 -12.16 -11.51 -10.04
CA GLY A 103 -12.60 -10.41 -9.19
C GLY A 103 -11.43 -9.70 -8.54
N LEU A 104 -10.22 -10.24 -8.66
CA LEU A 104 -9.02 -9.60 -8.14
C LEU A 104 -8.06 -9.01 -9.17
N GLU A 105 -8.21 -9.36 -10.45
CA GLU A 105 -7.37 -8.87 -11.54
C GLU A 105 -6.98 -7.37 -11.64
N ASN A 106 -7.79 -6.40 -11.19
CA ASN A 106 -7.41 -4.99 -11.24
C ASN A 106 -6.33 -4.62 -10.24
N LEU A 107 -6.28 -5.42 -9.17
CA LEU A 107 -5.31 -5.29 -8.08
C LEU A 107 -4.09 -6.21 -8.30
N ALA A 108 -3.89 -6.61 -9.54
CA ALA A 108 -2.75 -7.37 -9.98
C ALA A 108 -1.42 -6.65 -9.80
N LEU A 109 -0.45 -7.43 -9.37
CA LEU A 109 0.94 -7.02 -9.26
C LEU A 109 1.26 -6.06 -8.15
N ILE A 110 0.28 -5.60 -7.39
CA ILE A 110 0.50 -4.88 -6.15
C ILE A 110 1.31 -5.82 -5.21
N PRO A 111 2.50 -5.38 -4.76
CA PRO A 111 3.25 -6.13 -3.76
C PRO A 111 2.71 -6.19 -2.35
N GLY A 112 3.39 -7.01 -1.57
CA GLY A 112 2.98 -7.20 -0.19
C GLY A 112 2.15 -8.46 0.07
N CYS A 113 1.88 -8.61 1.36
CA CYS A 113 1.14 -9.75 1.89
C CYS A 113 -0.36 -9.54 1.96
N VAL A 114 -1.22 -10.55 2.02
CA VAL A 114 -2.67 -10.31 2.09
C VAL A 114 -3.05 -9.61 3.40
N GLY A 115 -2.44 -9.90 4.55
CA GLY A 115 -2.84 -9.25 5.82
C GLY A 115 -2.75 -7.73 5.87
N SER A 116 -1.80 -7.24 5.07
CA SER A 116 -1.51 -5.82 4.92
C SER A 116 -2.45 -5.14 3.95
N SER A 117 -3.11 -5.87 3.04
CA SER A 117 -4.05 -5.26 2.11
C SER A 117 -5.28 -4.51 2.69
N PRO A 118 -5.96 -4.88 3.79
CA PRO A 118 -6.93 -4.03 4.47
C PRO A 118 -6.39 -2.74 5.04
N ILE A 119 -5.16 -2.78 5.55
CA ILE A 119 -4.56 -1.65 6.28
C ILE A 119 -4.56 -0.30 5.57
N GLN A 120 -4.15 -0.33 4.31
CA GLN A 120 -4.27 0.87 3.49
C GLN A 120 -5.30 0.76 2.34
N ASN A 121 -6.33 -0.09 2.48
CA ASN A 121 -7.35 -0.38 1.44
C ASN A 121 -6.76 -0.46 0.03
N ILE A 122 -5.91 -1.46 -0.25
CA ILE A 122 -5.23 -1.46 -1.53
C ILE A 122 -6.07 -1.22 -2.80
N GLY A 123 -5.64 -0.23 -3.57
CA GLY A 123 -6.34 0.10 -4.78
C GLY A 123 -5.45 0.45 -5.97
N ALA A 124 -5.98 -0.06 -7.06
CA ALA A 124 -5.48 0.26 -8.37
C ALA A 124 -6.58 0.02 -9.43
N TYR A 125 -6.47 0.72 -10.55
CA TYR A 125 -7.32 0.55 -11.73
C TYR A 125 -8.83 0.34 -11.54
N GLY A 126 -9.43 1.28 -10.83
CA GLY A 126 -10.87 1.23 -10.62
C GLY A 126 -11.37 0.50 -9.39
N VAL A 127 -10.57 -0.39 -8.78
CA VAL A 127 -10.97 -1.18 -7.61
C VAL A 127 -10.12 -0.97 -6.36
N GLU A 128 -10.77 -0.86 -5.22
CA GLU A 128 -10.12 -0.88 -3.92
C GLU A 128 -10.51 -2.17 -3.20
N LEU A 129 -9.67 -2.65 -2.27
CA LEU A 129 -9.91 -3.88 -1.51
C LEU A 129 -11.26 -3.95 -0.82
N GLN A 130 -11.77 -2.82 -0.33
CA GLN A 130 -13.13 -2.74 0.23
C GLN A 130 -14.23 -3.42 -0.57
N ARG A 131 -14.07 -3.47 -1.90
CA ARG A 131 -15.07 -4.05 -2.78
C ARG A 131 -15.25 -5.56 -2.65
N VAL A 132 -14.15 -6.31 -2.49
CA VAL A 132 -14.12 -7.76 -2.34
C VAL A 132 -13.71 -8.20 -0.94
N CYS A 133 -13.62 -7.32 0.03
CA CYS A 133 -13.29 -7.69 1.40
C CYS A 133 -14.55 -8.00 2.20
N ALA A 134 -14.71 -9.19 2.79
CA ALA A 134 -15.84 -9.56 3.67
C ALA A 134 -15.63 -9.24 5.15
N TYR A 135 -14.42 -9.53 5.57
CA TYR A 135 -14.02 -9.33 6.98
C TYR A 135 -12.51 -9.46 7.13
N VAL A 136 -11.98 -8.98 8.22
CA VAL A 136 -10.57 -9.17 8.58
C VAL A 136 -10.40 -9.72 10.02
N ASP A 137 -9.60 -10.77 10.12
CA ASP A 137 -9.28 -11.43 11.38
C ASP A 137 -7.94 -11.10 12.00
N SER A 138 -8.03 -10.69 13.25
CA SER A 138 -6.87 -10.28 14.01
C SER A 138 -6.63 -10.97 15.37
N VAL A 139 -5.40 -10.90 15.84
CA VAL A 139 -5.14 -11.25 17.23
C VAL A 139 -4.94 -9.97 18.01
N GLU A 140 -5.63 -9.88 19.15
CA GLU A 140 -5.35 -8.79 20.06
C GLU A 140 -4.05 -9.15 20.77
N LEU A 141 -2.96 -8.62 20.21
CA LEU A 141 -1.60 -8.90 20.67
C LEU A 141 -1.43 -8.72 22.17
N ALA A 142 -1.93 -7.59 22.70
CA ALA A 142 -1.90 -7.30 24.13
C ALA A 142 -2.69 -8.24 25.08
N THR A 143 -3.49 -9.17 24.55
CA THR A 143 -4.36 -10.04 25.34
C THR A 143 -4.60 -11.42 24.75
N GLY A 144 -4.02 -11.80 23.60
CA GLY A 144 -4.36 -13.06 22.94
C GLY A 144 -5.78 -13.09 22.30
N LYS A 145 -6.73 -12.24 22.73
CA LYS A 145 -8.10 -12.16 22.22
C LYS A 145 -8.30 -12.06 20.70
N GLN A 146 -8.88 -13.12 20.14
CA GLN A 146 -9.10 -13.17 18.70
C GLN A 146 -10.37 -12.48 18.24
N VAL A 147 -10.14 -11.53 17.33
CA VAL A 147 -11.17 -10.62 16.79
C VAL A 147 -11.48 -10.73 15.30
N ARG A 148 -12.74 -10.48 14.96
CA ARG A 148 -13.19 -10.38 13.57
C ARG A 148 -13.93 -9.07 13.36
N LEU A 149 -13.46 -8.33 12.36
CA LEU A 149 -14.15 -7.11 11.90
C LEU A 149 -14.85 -7.35 10.57
N THR A 150 -16.05 -6.86 10.35
CA THR A 150 -16.69 -6.93 9.04
C THR A 150 -16.03 -5.87 8.15
N ALA A 151 -16.10 -5.90 6.81
CA ALA A 151 -15.59 -4.79 5.98
C ALA A 151 -16.14 -3.44 6.43
N LYS A 152 -17.41 -3.33 6.81
CA LYS A 152 -17.97 -2.08 7.35
C LYS A 152 -17.19 -1.55 8.56
N GLU A 153 -16.96 -2.44 9.55
CA GLU A 153 -16.23 -2.07 10.80
C GLU A 153 -14.75 -1.76 10.54
N CYS A 154 -14.23 -2.23 9.40
CA CYS A 154 -12.93 -1.83 8.93
C CYS A 154 -12.73 -0.37 8.59
N ARG A 155 -13.82 0.40 8.46
CA ARG A 155 -13.77 1.82 8.10
C ARG A 155 -12.83 2.26 6.95
N PHE A 156 -12.94 1.51 5.83
CA PHE A 156 -12.17 1.75 4.64
C PHE A 156 -12.31 3.13 4.02
N GLY A 157 -11.14 3.66 3.73
CA GLY A 157 -11.04 4.97 3.13
C GLY A 157 -10.03 4.97 2.00
N TYR A 158 -9.86 6.07 1.28
CA TYR A 158 -8.79 6.16 0.29
C TYR A 158 -7.51 5.98 1.08
N ARG A 159 -6.84 4.86 0.83
CA ARG A 159 -5.60 4.50 1.52
C ARG A 159 -5.72 4.66 3.04
N ASP A 160 -6.87 4.19 3.51
CA ASP A 160 -7.18 4.23 4.91
C ASP A 160 -8.05 3.11 5.42
N SER A 161 -7.91 2.85 6.71
CA SER A 161 -8.73 1.88 7.42
C SER A 161 -8.47 2.09 8.91
N ILE A 162 -9.32 1.44 9.70
CA ILE A 162 -9.24 1.44 11.16
C ILE A 162 -7.88 1.00 11.71
N PHE A 163 -7.14 0.20 10.92
CA PHE A 163 -5.81 -0.36 11.26
C PHE A 163 -4.68 0.67 11.20
N LYS A 164 -5.01 1.83 10.61
CA LYS A 164 -4.13 2.98 10.64
C LYS A 164 -4.51 3.91 11.79
N HIS A 165 -5.47 3.50 12.62
CA HIS A 165 -5.95 4.30 13.76
C HIS A 165 -6.15 3.47 15.05
N GLU A 166 -7.39 3.29 15.52
CA GLU A 166 -7.77 2.57 16.72
C GLU A 166 -7.12 1.20 17.01
N TYR A 167 -6.91 0.44 15.93
CA TYR A 167 -6.36 -0.90 15.97
C TYR A 167 -4.90 -1.07 15.60
N GLN A 168 -4.19 -0.01 15.26
CA GLN A 168 -2.84 -0.16 14.72
C GLN A 168 -1.80 -1.09 15.40
N ASP A 169 -1.25 -0.75 16.56
CA ASP A 169 -0.26 -1.64 17.20
C ASP A 169 -0.85 -2.57 18.26
N ARG A 170 -2.15 -2.37 18.47
CA ARG A 170 -2.94 -3.17 19.38
C ARG A 170 -3.19 -4.59 18.83
N PHE A 171 -3.37 -4.67 17.51
CA PHE A 171 -3.67 -5.92 16.82
C PHE A 171 -2.73 -6.38 15.72
N ALA A 172 -2.64 -7.68 15.51
CA ALA A 172 -1.91 -8.19 14.34
C ALA A 172 -2.89 -8.92 13.43
N ILE A 173 -2.99 -8.67 12.12
CA ILE A 173 -3.92 -9.40 11.27
C ILE A 173 -3.35 -10.76 10.96
N VAL A 174 -4.19 -11.79 11.02
CA VAL A 174 -3.77 -13.17 10.71
C VAL A 174 -4.49 -13.76 9.49
N ALA A 175 -5.65 -13.19 9.16
CA ALA A 175 -6.37 -13.64 7.99
C ALA A 175 -7.35 -12.65 7.41
N VAL A 176 -7.52 -12.67 6.10
CA VAL A 176 -8.45 -11.77 5.47
C VAL A 176 -9.50 -12.59 4.73
N GLY A 177 -10.74 -12.18 4.90
CA GLY A 177 -11.85 -12.83 4.22
C GLY A 177 -12.25 -12.13 2.94
N LEU A 178 -12.15 -12.77 1.77
CA LEU A 178 -12.52 -12.19 0.48
C LEU A 178 -13.79 -12.75 -0.15
N ARG A 179 -14.66 -11.85 -0.56
CA ARG A 179 -15.88 -12.28 -1.23
C ARG A 179 -15.83 -11.95 -2.72
N LEU A 180 -15.70 -13.00 -3.54
CA LEU A 180 -15.72 -12.84 -4.99
C LEU A 180 -17.04 -13.33 -5.63
N PRO A 181 -17.86 -12.46 -6.25
CA PRO A 181 -19.15 -12.88 -6.83
C PRO A 181 -19.02 -13.88 -7.96
N LYS A 182 -19.76 -14.98 -7.92
CA LYS A 182 -19.66 -15.96 -9.00
C LYS A 182 -20.05 -15.39 -10.38
N GLU A 183 -20.97 -14.45 -10.34
CA GLU A 183 -21.32 -13.63 -11.49
C GLU A 183 -20.23 -12.57 -11.74
N TRP A 184 -19.24 -12.87 -12.57
CA TRP A 184 -18.18 -11.90 -12.83
C TRP A 184 -18.66 -10.67 -13.59
N GLN A 185 -18.06 -9.61 -13.08
CA GLN A 185 -18.34 -8.25 -13.46
C GLN A 185 -17.05 -7.48 -13.71
N PRO A 186 -16.67 -7.16 -14.95
CA PRO A 186 -15.40 -6.50 -15.25
C PRO A 186 -15.30 -5.03 -14.88
N VAL A 187 -14.32 -4.56 -14.11
CA VAL A 187 -14.20 -3.15 -13.86
C VAL A 187 -13.30 -2.47 -14.90
N LEU A 188 -13.95 -1.96 -15.93
CA LEU A 188 -13.24 -1.32 -17.04
C LEU A 188 -13.29 0.21 -17.14
N THR A 189 -13.54 0.86 -16.01
CA THR A 189 -13.59 2.32 -15.89
C THR A 189 -12.23 3.05 -15.90
N TYR A 190 -11.07 2.44 -15.63
CA TYR A 190 -9.81 3.17 -15.52
C TYR A 190 -8.83 3.17 -16.70
N GLY A 191 -8.41 4.35 -17.15
CA GLY A 191 -7.40 4.48 -18.18
C GLY A 191 -7.55 3.59 -19.41
N ASP A 192 -6.55 2.79 -19.73
CA ASP A 192 -6.60 1.91 -20.89
C ASP A 192 -7.55 0.74 -20.78
N LEU A 193 -8.24 0.61 -19.65
CA LEU A 193 -9.24 -0.44 -19.50
C LEU A 193 -10.51 -0.05 -20.23
N THR A 194 -10.77 1.26 -20.44
CA THR A 194 -11.95 1.73 -21.18
C THR A 194 -11.97 1.31 -22.65
N ARG A 195 -10.83 0.83 -23.15
CA ARG A 195 -10.71 0.30 -24.50
C ARG A 195 -11.18 -1.15 -24.62
N LEU A 196 -11.39 -1.79 -23.49
CA LEU A 196 -11.87 -3.16 -23.48
C LEU A 196 -13.39 -3.24 -23.36
N ASP A 197 -13.93 -4.13 -24.18
CA ASP A 197 -15.36 -4.30 -24.17
C ASP A 197 -15.90 -5.21 -23.06
N PRO A 198 -16.93 -4.82 -22.30
CA PRO A 198 -17.47 -5.60 -21.18
C PRO A 198 -18.03 -7.02 -21.36
N THR A 199 -18.37 -7.40 -22.59
CA THR A 199 -18.87 -8.75 -22.87
C THR A 199 -17.82 -9.61 -23.58
N THR A 200 -17.03 -9.11 -24.52
CA THR A 200 -15.91 -9.90 -25.07
C THR A 200 -14.78 -10.18 -24.08
N VAL A 201 -14.44 -9.25 -23.16
CA VAL A 201 -13.31 -9.39 -22.25
C VAL A 201 -13.31 -10.53 -21.21
N THR A 202 -12.25 -11.33 -21.24
CA THR A 202 -12.01 -12.34 -20.20
C THR A 202 -11.26 -11.73 -18.99
N PRO A 203 -11.39 -12.23 -17.75
CA PRO A 203 -10.58 -11.73 -16.62
C PRO A 203 -9.06 -11.66 -16.85
N GLN A 204 -8.51 -12.62 -17.60
CA GLN A 204 -7.10 -12.61 -17.94
C GLN A 204 -6.69 -11.47 -18.87
N GLN A 205 -7.57 -10.94 -19.73
CA GLN A 205 -7.19 -9.77 -20.51
C GLN A 205 -7.18 -8.50 -19.67
N VAL A 206 -8.03 -8.38 -18.65
CA VAL A 206 -7.96 -7.24 -17.74
C VAL A 206 -6.66 -7.40 -16.97
N PHE A 207 -6.30 -8.56 -16.41
CA PHE A 207 -5.04 -8.78 -15.68
C PHE A 207 -3.82 -8.32 -16.45
N ASN A 208 -3.78 -8.79 -17.69
CA ASN A 208 -2.74 -8.38 -18.63
C ASN A 208 -2.77 -6.88 -18.93
N ALA A 209 -3.94 -6.27 -19.07
CA ALA A 209 -4.06 -4.85 -19.42
C ALA A 209 -3.57 -3.96 -18.29
N VAL A 210 -3.92 -4.38 -17.07
CA VAL A 210 -3.49 -3.73 -15.84
C VAL A 210 -1.99 -3.88 -15.65
N CYS A 211 -1.48 -5.11 -15.73
CA CYS A 211 -0.04 -5.35 -15.61
C CYS A 211 0.81 -4.63 -16.63
N HIS A 212 0.32 -4.51 -17.86
CA HIS A 212 1.02 -3.72 -18.85
C HIS A 212 1.12 -2.24 -18.43
N MET A 213 0.06 -1.59 -17.93
CA MET A 213 0.15 -0.20 -17.51
C MET A 213 1.12 -0.01 -16.34
N ARG A 214 1.07 -1.00 -15.44
CA ARG A 214 1.98 -1.03 -14.29
C ARG A 214 3.46 -1.19 -14.63
N THR A 215 3.72 -2.15 -15.48
CA THR A 215 5.05 -2.49 -15.96
C THR A 215 5.67 -1.37 -16.80
N THR A 216 4.89 -0.60 -17.54
CA THR A 216 5.47 0.51 -18.29
C THR A 216 5.87 1.69 -17.42
N LYS A 217 5.13 2.03 -16.36
CA LYS A 217 5.46 3.19 -15.52
C LYS A 217 6.15 2.92 -14.16
N LEU A 218 5.92 1.77 -13.52
CA LEU A 218 6.39 1.53 -12.17
C LEU A 218 7.69 0.74 -12.09
N PRO A 219 8.56 1.14 -11.14
CA PRO A 219 9.90 0.59 -11.01
C PRO A 219 9.88 -0.77 -10.31
N ASP A 220 10.75 -1.70 -10.68
CA ASP A 220 10.83 -2.96 -9.96
C ASP A 220 11.61 -2.82 -8.66
N PRO A 221 11.19 -3.19 -7.43
CA PRO A 221 12.07 -3.11 -6.27
C PRO A 221 13.27 -4.06 -6.40
N LYS A 222 13.11 -5.10 -7.23
CA LYS A 222 14.23 -5.97 -7.62
C LYS A 222 15.38 -5.21 -8.30
N VAL A 223 15.02 -4.19 -9.05
CA VAL A 223 16.00 -3.35 -9.69
C VAL A 223 16.34 -2.20 -8.76
N ASN A 224 15.35 -1.32 -8.56
CA ASN A 224 15.50 -0.21 -7.63
C ASN A 224 14.39 -0.18 -6.61
N GLY A 225 14.83 -0.16 -5.37
CA GLY A 225 13.94 -0.19 -4.25
C GLY A 225 13.04 1.01 -4.18
N ASN A 226 11.80 0.72 -3.85
CA ASN A 226 10.84 1.80 -3.67
C ASN A 226 9.69 1.30 -2.82
N ALA A 227 8.85 2.20 -2.37
CA ALA A 227 7.66 1.80 -1.65
C ALA A 227 6.39 2.26 -2.39
N GLY A 228 6.39 2.21 -3.73
CA GLY A 228 5.27 2.66 -4.55
C GLY A 228 5.03 4.15 -4.50
N SER A 229 3.79 4.58 -4.73
CA SER A 229 3.42 5.99 -4.64
C SER A 229 3.76 6.62 -3.32
N PHE A 230 4.82 7.41 -3.26
CA PHE A 230 5.27 8.01 -2.01
C PHE A 230 4.29 8.98 -1.34
N PHE A 231 3.52 9.72 -2.13
CA PHE A 231 2.45 10.60 -1.62
C PHE A 231 1.01 10.15 -2.01
N LYS A 232 0.00 10.54 -1.24
CA LYS A 232 -1.40 10.28 -1.61
C LYS A 232 -1.84 11.30 -2.66
N ASN A 233 -2.78 11.00 -3.53
CA ASN A 233 -3.35 12.02 -4.40
C ASN A 233 -4.09 13.09 -3.58
N PRO A 234 -3.75 14.37 -3.67
CA PRO A 234 -4.32 15.40 -2.80
C PRO A 234 -5.83 15.62 -3.00
N VAL A 235 -6.67 15.75 -2.00
CA VAL A 235 -8.01 16.23 -2.26
C VAL A 235 -8.11 17.72 -1.88
N VAL A 236 -8.50 18.60 -2.80
CA VAL A 236 -8.63 20.04 -2.58
C VAL A 236 -10.08 20.57 -2.58
N SER A 237 -10.35 21.83 -2.21
CA SER A 237 -11.73 22.40 -2.29
C SER A 237 -12.22 22.65 -3.72
N ALA A 238 -13.52 22.66 -4.04
CA ALA A 238 -14.02 22.96 -5.39
C ALA A 238 -13.44 24.19 -6.12
N GLU A 239 -13.21 25.20 -5.28
CA GLU A 239 -12.62 26.51 -5.65
C GLU A 239 -11.13 26.41 -5.99
N THR A 240 -10.31 25.89 -5.05
CA THR A 240 -8.88 25.66 -5.28
C THR A 240 -8.61 24.73 -6.47
N ALA A 241 -9.42 23.70 -6.70
CA ALA A 241 -9.31 22.86 -7.90
C ALA A 241 -9.64 23.65 -9.16
N LYS A 242 -10.65 24.51 -9.12
CA LYS A 242 -10.99 25.35 -10.26
C LYS A 242 -9.91 26.40 -10.57
N ALA A 243 -9.34 26.96 -9.49
CA ALA A 243 -8.24 27.92 -9.59
C ALA A 243 -7.02 27.27 -10.23
N LEU A 244 -6.50 26.17 -9.68
CA LEU A 244 -5.38 25.48 -10.31
C LEU A 244 -5.72 25.07 -11.74
N LEU A 245 -6.91 24.55 -11.99
CA LEU A 245 -7.32 24.21 -13.35
C LEU A 245 -7.56 25.40 -14.28
N SER A 246 -7.72 26.64 -13.76
CA SER A 246 -7.73 27.83 -14.62
C SER A 246 -6.38 28.05 -15.30
N GLN A 247 -5.27 28.20 -14.54
CA GLN A 247 -3.92 28.34 -15.15
C GLN A 247 -3.42 27.04 -15.71
N PHE A 248 -3.85 25.93 -15.09
CA PHE A 248 -3.39 24.58 -15.46
C PHE A 248 -4.49 23.63 -15.98
N PRO A 249 -5.14 23.94 -17.12
CA PRO A 249 -6.40 23.32 -17.57
C PRO A 249 -6.31 21.81 -17.71
N THR A 250 -5.17 21.38 -18.21
CA THR A 250 -4.89 19.96 -18.43
C THR A 250 -4.49 19.16 -17.20
N ALA A 251 -4.64 19.68 -15.96
CA ALA A 251 -4.36 18.90 -14.77
C ALA A 251 -5.34 17.72 -14.57
N PRO A 252 -4.93 16.44 -14.54
CA PRO A 252 -5.78 15.34 -14.09
C PRO A 252 -6.45 15.62 -12.76
N ASN A 253 -7.78 15.64 -12.80
CA ASN A 253 -8.53 15.83 -11.59
C ASN A 253 -9.72 14.86 -11.52
N TYR A 254 -10.05 14.40 -10.33
CA TYR A 254 -11.05 13.37 -10.11
C TYR A 254 -12.06 13.92 -9.10
N PRO A 255 -13.15 14.60 -9.54
CA PRO A 255 -14.13 15.23 -8.68
C PRO A 255 -14.93 14.30 -7.78
N GLN A 256 -15.22 14.73 -6.57
CA GLN A 256 -16.11 14.01 -5.67
C GLN A 256 -17.55 14.50 -5.79
N ALA A 257 -18.51 13.70 -5.34
CA ALA A 257 -19.93 14.09 -5.37
C ALA A 257 -20.19 15.41 -4.61
N ASP A 258 -19.50 15.46 -3.47
CA ASP A 258 -19.52 16.61 -2.58
C ASP A 258 -18.66 17.80 -3.02
N GLY A 259 -18.61 18.08 -4.33
CA GLY A 259 -17.90 19.26 -4.86
C GLY A 259 -16.38 19.28 -4.84
N SER A 260 -15.70 18.82 -3.78
CA SER A 260 -14.24 18.72 -3.70
C SER A 260 -13.64 17.92 -4.83
N VAL A 261 -12.37 18.19 -5.13
CA VAL A 261 -11.69 17.49 -6.22
C VAL A 261 -10.36 16.84 -5.82
N LYS A 262 -10.18 15.56 -6.18
CA LYS A 262 -8.89 14.92 -6.05
C LYS A 262 -7.98 15.33 -7.22
N LEU A 263 -6.71 15.57 -6.98
CA LEU A 263 -5.77 15.90 -8.04
C LEU A 263 -4.74 14.81 -8.23
N ALA A 264 -4.04 14.75 -9.35
CA ALA A 264 -2.95 13.80 -9.43
C ALA A 264 -1.61 14.29 -8.85
N ALA A 265 -1.14 13.83 -7.68
CA ALA A 265 0.16 14.20 -7.08
C ALA A 265 1.39 13.94 -7.98
N GLY A 266 1.41 12.85 -8.73
CA GLY A 266 2.44 12.54 -9.73
C GLY A 266 2.44 13.57 -10.87
N TRP A 267 1.28 14.05 -11.34
CA TRP A 267 1.24 15.13 -12.33
C TRP A 267 1.83 16.42 -11.77
N LEU A 268 1.45 16.80 -10.56
CA LEU A 268 1.96 18.02 -9.96
C LEU A 268 3.48 17.99 -9.75
N ILE A 269 4.04 16.87 -9.28
CA ILE A 269 5.50 16.70 -9.19
C ILE A 269 6.17 16.83 -10.58
N ASP A 270 5.63 16.13 -11.56
CA ASP A 270 6.04 16.20 -12.96
C ASP A 270 6.06 17.65 -13.50
N GLN A 271 5.02 18.40 -13.15
CA GLN A 271 4.92 19.80 -13.51
C GLN A 271 5.93 20.78 -12.94
N CYS A 272 6.66 20.30 -11.95
CA CYS A 272 7.72 21.05 -11.31
C CYS A 272 9.10 20.69 -11.88
N GLN A 273 9.09 19.77 -12.87
CA GLN A 273 10.22 19.20 -13.59
C GLN A 273 11.16 18.45 -12.64
N LEU A 274 10.55 17.61 -11.80
CA LEU A 274 11.35 16.84 -10.85
C LEU A 274 11.67 15.43 -11.28
N LYS A 275 11.22 14.93 -12.45
CA LYS A 275 11.56 13.59 -12.92
C LYS A 275 13.06 13.44 -13.09
N GLY A 276 13.61 12.42 -12.45
CA GLY A 276 15.06 12.23 -12.50
C GLY A 276 15.79 12.96 -11.41
N MET A 277 15.15 13.82 -10.64
CA MET A 277 15.81 14.49 -9.55
C MET A 277 16.35 13.58 -8.45
N GLN A 278 17.60 13.83 -8.09
CA GLN A 278 18.30 13.03 -7.10
C GLN A 278 18.72 13.76 -5.84
N ILE A 279 18.61 13.11 -4.71
CA ILE A 279 19.25 13.59 -3.51
C ILE A 279 19.89 12.31 -2.98
N GLY A 280 21.21 12.33 -3.06
CA GLY A 280 22.05 11.19 -2.68
C GLY A 280 21.73 9.93 -3.50
N GLY A 281 21.53 8.77 -2.87
CA GLY A 281 21.10 7.58 -3.60
C GLY A 281 19.62 7.46 -3.98
N ALA A 282 18.79 8.43 -3.55
CA ALA A 282 17.35 8.43 -3.86
C ALA A 282 16.93 9.37 -5.01
N ALA A 283 16.10 8.91 -5.95
CA ALA A 283 15.63 9.76 -7.03
C ALA A 283 14.11 9.73 -7.29
N VAL A 284 13.58 10.72 -7.98
CA VAL A 284 12.19 10.73 -8.47
C VAL A 284 12.13 9.93 -9.75
N HIS A 285 11.36 8.84 -9.78
CA HIS A 285 11.31 7.94 -10.94
C HIS A 285 10.80 8.60 -12.23
N ARG A 286 11.56 8.48 -13.32
CA ARG A 286 11.22 9.19 -14.56
C ARG A 286 9.96 8.82 -15.31
N GLN A 287 9.49 7.60 -15.12
CA GLN A 287 8.24 7.15 -15.76
C GLN A 287 6.96 7.31 -14.94
N GLN A 288 7.12 7.79 -13.70
CA GLN A 288 6.01 7.98 -12.77
C GLN A 288 6.59 8.78 -11.60
N ALA A 289 6.50 10.11 -11.68
CA ALA A 289 7.06 10.99 -10.65
C ALA A 289 6.48 10.89 -9.22
N LEU A 290 5.37 10.16 -9.00
CA LEU A 290 4.90 9.96 -7.63
C LEU A 290 5.72 8.87 -6.87
N VAL A 291 6.50 8.07 -7.58
CA VAL A 291 7.37 7.08 -6.98
C VAL A 291 8.83 7.54 -6.74
N LEU A 292 9.23 7.62 -5.46
CA LEU A 292 10.63 7.84 -5.10
C LEU A 292 11.37 6.52 -5.11
N ILE A 293 12.61 6.42 -5.57
CA ILE A 293 13.30 5.13 -5.66
C ILE A 293 14.68 5.11 -5.01
N ASN A 294 15.27 3.93 -4.81
CA ASN A 294 16.59 3.74 -4.28
C ASN A 294 17.44 3.48 -5.51
N GLU A 295 17.88 4.57 -6.12
CA GLU A 295 18.67 4.46 -7.34
C GLU A 295 20.10 3.96 -7.10
N ASP A 296 20.73 4.42 -6.04
CA ASP A 296 22.08 3.95 -5.73
C ASP A 296 22.36 3.96 -4.24
N ASN A 297 22.38 2.85 -3.52
CA ASN A 297 22.70 2.81 -2.08
C ASN A 297 22.23 4.00 -1.24
N ALA A 298 20.94 4.25 -1.46
CA ALA A 298 20.28 5.30 -0.74
C ALA A 298 20.20 5.09 0.76
N LYS A 299 20.51 6.14 1.48
CA LYS A 299 20.32 6.18 2.92
C LYS A 299 18.93 6.68 3.23
N SER A 300 18.30 6.34 4.35
CA SER A 300 16.96 6.86 4.64
C SER A 300 16.88 8.37 4.70
N GLU A 301 17.92 9.08 5.19
CA GLU A 301 17.91 10.55 5.19
C GLU A 301 17.84 11.13 3.76
N ASP A 302 18.41 10.48 2.73
CA ASP A 302 18.26 10.96 1.34
C ASP A 302 16.81 10.90 0.85
N VAL A 303 16.14 9.80 1.19
CA VAL A 303 14.74 9.65 0.81
C VAL A 303 13.88 10.70 1.47
N VAL A 304 14.15 10.99 2.75
CA VAL A 304 13.42 12.02 3.48
C VAL A 304 13.65 13.43 2.90
N GLN A 305 14.89 13.76 2.56
CA GLN A 305 15.21 15.03 1.95
C GLN A 305 14.63 15.19 0.54
N LEU A 306 14.70 14.21 -0.35
CA LEU A 306 14.04 14.25 -1.65
C LEU A 306 12.52 14.46 -1.52
N ALA A 307 11.85 13.73 -0.64
CA ALA A 307 10.45 13.98 -0.31
C ALA A 307 10.18 15.39 0.23
N HIS A 308 10.99 15.89 1.16
CA HIS A 308 10.87 17.26 1.63
C HIS A 308 11.06 18.23 0.43
N HIS A 309 12.00 17.95 -0.46
CA HIS A 309 12.22 18.81 -1.62
C HIS A 309 11.02 18.81 -2.60
N VAL A 310 10.61 17.63 -3.06
CA VAL A 310 9.43 17.45 -3.91
C VAL A 310 8.17 18.09 -3.29
N ARG A 311 7.92 17.85 -2.00
CA ARG A 311 6.77 18.44 -1.32
C ARG A 311 6.87 19.97 -1.22
N GLN A 312 8.02 20.55 -0.86
CA GLN A 312 8.14 21.99 -0.91
C GLN A 312 7.90 22.56 -2.30
N LYS A 313 8.49 21.98 -3.36
CA LYS A 313 8.28 22.45 -4.73
C LYS A 313 6.84 22.47 -5.18
N VAL A 314 6.08 21.40 -4.94
CA VAL A 314 4.65 21.35 -5.31
C VAL A 314 3.79 22.31 -4.47
N GLY A 315 4.21 22.49 -3.21
CA GLY A 315 3.58 23.41 -2.30
C GLY A 315 3.80 24.87 -2.67
N GLU A 316 5.00 25.19 -3.15
CA GLU A 316 5.22 26.53 -3.71
C GLU A 316 4.54 26.71 -5.07
N LYS A 317 4.69 25.82 -6.07
CA LYS A 317 4.01 25.99 -7.35
C LYS A 317 2.48 25.96 -7.35
N PHE A 318 1.90 25.00 -6.66
CA PHE A 318 0.47 24.81 -6.70
C PHE A 318 -0.28 25.13 -5.44
N ASN A 319 0.43 25.42 -4.35
CA ASN A 319 -0.05 25.55 -2.97
C ASN A 319 -0.90 24.36 -2.48
N VAL A 320 -0.53 23.23 -3.04
CA VAL A 320 -1.06 21.94 -2.65
C VAL A 320 0.11 21.21 -1.97
N TRP A 321 -0.22 20.88 -0.73
CA TRP A 321 0.73 20.26 0.18
C TRP A 321 0.58 18.77 0.37
N LEU A 322 1.55 18.07 -0.24
CA LEU A 322 1.53 16.61 -0.30
C LEU A 322 1.88 15.73 0.92
N GLU A 323 0.94 14.84 1.17
CA GLU A 323 0.96 13.94 2.32
C GLU A 323 1.39 12.50 2.02
N PRO A 324 2.37 11.87 2.69
CA PRO A 324 2.90 10.60 2.23
C PRO A 324 2.06 9.39 2.57
N GLU A 325 2.01 8.47 1.60
CA GLU A 325 1.31 7.20 1.79
C GLU A 325 2.25 6.14 2.38
N VAL A 326 3.57 6.38 2.34
CA VAL A 326 4.52 5.46 2.92
C VAL A 326 4.52 5.61 4.44
N ARG A 327 4.67 4.51 5.17
CA ARG A 327 4.70 4.57 6.64
C ARG A 327 6.11 4.81 7.17
N PHE A 328 6.34 5.90 7.91
CA PHE A 328 7.64 6.22 8.49
C PHE A 328 7.93 5.63 9.85
N ILE A 329 8.82 4.65 9.85
CA ILE A 329 9.17 3.91 11.07
C ILE A 329 10.46 4.45 11.71
N GLY A 330 10.33 5.03 12.90
CA GLY A 330 11.48 5.57 13.62
C GLY A 330 11.82 4.69 14.82
N ALA A 331 13.07 4.46 15.21
CA ALA A 331 13.47 3.66 16.38
C ALA A 331 12.53 2.94 17.34
N SER A 332 11.52 3.62 17.85
CA SER A 332 10.56 3.09 18.82
C SER A 332 9.15 2.74 18.28
N GLY A 333 8.95 2.98 17.00
CA GLY A 333 7.70 2.75 16.30
C GLY A 333 7.44 3.80 15.21
N GLU A 334 6.29 3.79 14.55
CA GLU A 334 5.94 4.80 13.56
C GLU A 334 5.88 6.27 14.01
N VAL A 335 6.48 7.15 13.21
CA VAL A 335 6.42 8.60 13.43
C VAL A 335 5.57 9.30 12.36
N SER A 336 5.28 10.57 12.51
CA SER A 336 4.53 11.31 11.52
C SER A 336 5.38 11.68 10.30
N ALA A 337 5.05 11.11 9.15
CA ALA A 337 5.76 11.34 7.91
C ALA A 337 5.78 12.78 7.42
N VAL A 338 4.64 13.50 7.46
CA VAL A 338 4.61 14.91 7.06
C VAL A 338 5.53 15.70 7.96
N GLU A 339 5.46 15.50 9.29
CA GLU A 339 6.41 16.14 10.19
C GLU A 339 7.87 15.91 9.80
N THR A 340 8.23 14.67 9.46
CA THR A 340 9.59 14.34 9.06
C THR A 340 9.98 14.93 7.72
N ILE A 341 9.06 15.19 6.81
CA ILE A 341 9.45 15.85 5.57
C ILE A 341 9.11 17.32 5.50
N SER A 342 8.72 17.94 6.59
CA SER A 342 8.46 19.37 6.59
C SER A 342 9.72 20.24 6.74
N1U EEB B . 0.86 11.65 -14.03
C2U EEB B . 1.67 12.50 -14.76
N3U EEB B . 2.99 12.40 -14.54
C4U EEB B . 3.57 11.57 -13.66
C5U EEB B . 2.72 10.64 -12.86
C6U EEB B . 1.38 10.70 -13.03
O2U EEB B . 1.21 13.29 -15.54
O4U EEB B . 4.78 11.55 -13.48
C1D EEB B . -0.58 11.72 -14.25
C2D EEB B . -1.16 10.64 -15.16
O2D EEB B . -0.92 10.72 -16.51
C3D EEB B . -2.56 10.63 -14.73
C4D EEB B . -2.51 11.03 -13.25
O4D EEB B . -1.21 11.51 -13.02
O3D EEB B . -3.40 11.30 -15.67
C5D EEB B . -2.71 9.69 -12.45
O5D EEB B . -1.63 8.78 -12.90
PA EEB B . -1.69 7.28 -12.48
O1A EEB B . -2.77 6.80 -13.44
O2A EEB B . -0.32 6.84 -12.96
O3A EEB B . -1.96 6.72 -11.11
PB EEB B . -1.58 7.58 -9.89
O1B EEB B . -2.76 8.39 -9.41
O2B EEB B . -0.33 8.41 -10.14
C1 EEB B . -2.37 5.95 -8.23
C2 EEB B . -2.06 5.06 -7.04
C3 EEB B . -1.19 3.89 -7.49
C4 EEB B . -2.24 3.17 -8.47
C5 EEB B . -2.71 4.08 -9.65
C6 EEB B . -3.86 3.44 -10.50
C7 EEB B . -2.69 6.59 -5.01
C8 EEB B . -1.71 7.39 -4.13
N2 EEB B . -1.98 5.97 -5.93
O1 EEB B . -1.26 6.50 -8.88
O3 EEB B . -0.87 3.29 -6.30
O4 EEB B . -1.72 2.00 -9.03
O5 EEB B . -3.24 5.24 -9.06
O6 EEB B . -5.11 3.30 -9.84
O7 EEB B . -3.85 6.59 -4.84
C1E EEB B . 0.79 2.88 -4.67
C2E EEB B . 0.43 2.91 -6.13
C3E EEB B . 1.27 2.57 -7.16
C4E EEB B . 2.69 2.15 -7.03
O1E EEB B . 1.96 2.48 -4.30
O2E EEB B . -0.07 3.26 -3.79
PA FAD C . 4.31 -3.68 5.10
O1A FAD C . 5.15 -4.88 5.50
O2A FAD C . 5.10 -2.59 4.39
O5B FAD C . 3.58 -3.08 6.39
C5B FAD C . 2.68 -1.99 6.19
C4B FAD C . 2.14 -1.42 7.49
O4B FAD C . 1.13 -2.32 8.02
C3B FAD C . 3.12 -1.27 8.63
O3B FAD C . 2.68 -0.12 9.42
C2B FAD C . 3.02 -2.61 9.38
O2B FAD C . 3.37 -2.55 10.76
C1B FAD C . 1.58 -3.00 9.20
N9A FAD C . 1.27 -4.38 8.95
C8A FAD C . 1.95 -5.00 7.94
N7A FAD C . 1.54 -6.38 8.14
C5A FAD C . 0.69 -6.41 9.36
C6A FAD C . -0.07 -7.36 10.22
N6A FAD C . -0.10 -8.67 9.96
N1A FAD C . -0.73 -6.91 11.33
C2A FAD C . -0.67 -5.59 11.61
N3A FAD C . -0.07 -4.66 10.94
C4A FAD C . 0.58 -5.16 9.83
N1 FAD C . -0.53 0.14 -2.90
C2 FAD C . -1.78 0.31 -3.43
O2 FAD C . -2.73 0.58 -2.74
N3 FAD C . -1.95 0.19 -4.75
C4 FAD C . -0.98 -0.13 -5.62
O4 FAD C . -1.17 -0.27 -6.82
C4X FAD C . 0.43 -0.32 -5.07
N5 FAD C . 1.51 -0.61 -5.89
C5X FAD C . 2.77 -0.73 -5.38
C6 FAD C . 3.84 -0.97 -6.24
C7 FAD C . 5.14 -1.14 -5.73
C7M FAD C . 6.27 -1.35 -6.69
C8 FAD C . 5.33 -1.08 -4.33
C8M FAD C . 6.77 -1.33 -3.92
C9 FAD C . 4.24 -0.82 -3.52
C9A FAD C . 2.95 -0.62 -4.02
N10 FAD C . 1.84 -0.33 -3.19
C10 FAD C . 0.55 -0.16 -3.65
C1' FAD C . 1.98 -0.16 -1.71
C2' FAD C . 2.04 -1.50 -0.94
O2' FAD C . 2.10 -2.64 -1.78
C3' FAD C . 0.85 -1.57 0.05
O3' FAD C . 0.91 -0.55 1.03
C4' FAD C . 0.72 -2.96 0.71
O4' FAD C . -0.57 -3.18 1.26
C5' FAD C . 1.82 -3.24 1.75
O5' FAD C . 1.96 -4.65 1.88
P FAD C . 3.08 -5.08 2.86
O1P FAD C . 2.76 -6.52 3.24
O2P FAD C . 4.40 -4.96 2.11
O3P FAD C . 3.13 -4.14 4.19
#